data_3LA3
#
_entry.id   3LA3
#
_cell.length_a   68.030
_cell.length_b   70.080
_cell.length_c   149.730
_cell.angle_alpha   90.00
_cell.angle_beta   90.00
_cell.angle_gamma   90.00
#
_symmetry.space_group_name_H-M   'P 21 21 21'
#
loop_
_entity.id
_entity.type
_entity.pdbx_description
1 polymer 'Global nitrogen regulator'
2 non-polymer '2,2-difluoropentanedioic acid'
3 water water
#
_entity_poly.entity_id   1
_entity_poly.type   'polypeptide(L)'
_entity_poly.pdbx_seq_one_letter_code
;MGSSHHHHHHSSGLVPRGSHMIVTQDKALANVFRQMATGAFPPVVETFERNKTIFFPGDPAERVYFLLKGAVKLSRVYEA
GEEITVALLRENSVFGVLSLLTGNKSDRFYHAVAFTPVELLSAPIEQVEQALKENPELSMLMLRGLSSRILQTEMMIETL
AHRDMGSRLVSFLLILCRDFGVPCADGITIDLKLSHQAIAEAIGSTRVTVTRLLGDLREKKMISIHKKKITVHKPVTLSR
QFT
;
_entity_poly.pdbx_strand_id   A,B
#
# COMPACT_ATOMS: atom_id res chain seq x y z
N VAL A 45 -21.26 -14.99 -11.76
CA VAL A 45 -20.86 -13.67 -12.34
C VAL A 45 -21.84 -12.59 -11.92
N GLU A 46 -21.44 -11.79 -10.93
CA GLU A 46 -22.35 -10.91 -10.22
C GLU A 46 -22.18 -9.50 -10.70
N THR A 47 -23.27 -8.73 -10.68
CA THR A 47 -23.19 -7.33 -11.03
C THR A 47 -23.66 -6.46 -9.87
N PHE A 48 -23.24 -5.19 -9.90
CA PHE A 48 -23.48 -4.26 -8.83
C PHE A 48 -23.66 -2.92 -9.51
N GLU A 49 -24.78 -2.27 -9.22
CA GLU A 49 -24.99 -0.91 -9.68
C GLU A 49 -23.98 0.01 -8.99
N ARG A 50 -23.73 1.15 -9.61
CA ARG A 50 -22.77 2.10 -9.08
C ARG A 50 -23.15 2.47 -7.66
N ASN A 51 -22.16 2.44 -6.76
CA ASN A 51 -22.34 2.81 -5.36
C ASN A 51 -22.97 1.75 -4.47
N LYS A 52 -23.20 0.56 -4.98
CA LYS A 52 -23.73 -0.53 -4.16
C LYS A 52 -22.59 -1.20 -3.43
N THR A 53 -22.87 -1.77 -2.26
CA THR A 53 -21.81 -2.35 -1.48
C THR A 53 -21.57 -3.82 -1.86
N ILE A 54 -20.30 -4.18 -1.94
CA ILE A 54 -19.95 -5.55 -2.23
C ILE A 54 -19.70 -6.28 -0.92
N PHE A 55 -19.09 -5.59 0.04
CA PHE A 55 -19.05 -6.16 1.39
C PHE A 55 -18.84 -5.08 2.43
N PHE A 56 -19.33 -5.33 3.64
CA PHE A 56 -19.33 -4.31 4.67
C PHE A 56 -18.30 -4.64 5.74
N PRO A 57 -17.75 -3.61 6.38
CA PRO A 57 -16.97 -3.91 7.59
C PRO A 57 -17.79 -4.83 8.49
N GLY A 58 -17.19 -5.90 9.00
CA GLY A 58 -17.90 -6.75 9.93
C GLY A 58 -18.41 -8.02 9.29
N ASP A 59 -18.57 -8.00 7.97
CA ASP A 59 -18.93 -9.23 7.24
C ASP A 59 -17.89 -10.33 7.39
N PRO A 60 -18.32 -11.59 7.23
CA PRO A 60 -17.35 -12.62 7.49
C PRO A 60 -16.39 -12.53 6.33
N ALA A 61 -15.14 -12.90 6.51
CA ALA A 61 -14.20 -12.79 5.39
C ALA A 61 -14.06 -14.18 4.78
N GLU A 62 -15.02 -14.56 3.94
CA GLU A 62 -15.14 -15.94 3.44
C GLU A 62 -14.92 -16.07 1.94
N ARG A 63 -14.99 -14.97 1.20
CA ARG A 63 -14.88 -15.07 -0.25
C ARG A 63 -13.70 -14.27 -0.80
N VAL A 64 -13.19 -14.72 -1.94
CA VAL A 64 -12.24 -13.96 -2.73
C VAL A 64 -12.94 -13.47 -4.00
N TYR A 65 -12.50 -12.33 -4.50
CA TYR A 65 -13.18 -11.62 -5.57
C TYR A 65 -12.23 -11.38 -6.71
N PHE A 66 -12.77 -11.45 -7.92
CA PHE A 66 -12.04 -11.04 -9.08
C PHE A 66 -12.85 -10.00 -9.85
N LEU A 67 -12.27 -8.84 -10.06
CA LEU A 67 -12.95 -7.73 -10.72
C LEU A 67 -12.89 -7.91 -12.24
N LEU A 68 -14.06 -7.96 -12.88
CA LEU A 68 -14.12 -8.12 -14.32
C LEU A 68 -14.25 -6.79 -15.05
N LYS A 69 -15.28 -6.01 -14.72
CA LYS A 69 -15.46 -4.69 -15.34
C LYS A 69 -15.79 -3.66 -14.29
N GLY A 70 -15.38 -2.41 -14.53
CA GLY A 70 -15.65 -1.30 -13.62
C GLY A 70 -14.49 -1.05 -12.69
N ALA A 71 -14.71 -0.20 -11.69
CA ALA A 71 -13.75 0.06 -10.62
C ALA A 71 -14.36 -0.25 -9.26
N VAL A 72 -13.56 -0.79 -8.34
CA VAL A 72 -14.02 -1.02 -6.97
C VAL A 72 -13.25 -0.17 -5.96
N LYS A 73 -13.97 0.51 -5.07
CA LYS A 73 -13.38 1.31 -3.99
C LYS A 73 -13.34 0.56 -2.67
N LEU A 74 -12.15 0.39 -2.09
CA LEU A 74 -12.01 -0.15 -0.75
C LEU A 74 -11.70 1.00 0.19
N SER A 75 -12.38 1.05 1.34
CA SER A 75 -12.22 2.15 2.25
C SER A 75 -12.33 1.73 3.72
N ARG A 76 -11.80 2.56 4.60
CA ARG A 76 -12.00 2.38 6.02
C ARG A 76 -13.05 3.41 6.46
N VAL A 77 -14.00 2.94 7.27
CA VAL A 77 -15.09 3.79 7.73
C VAL A 77 -14.87 4.11 9.20
N TYR A 78 -14.81 5.39 9.55
CA TYR A 78 -14.59 5.77 10.96
C TYR A 78 -15.92 5.99 11.67
N GLU A 79 -15.94 5.77 12.97
CA GLU A 79 -17.18 5.86 13.74
C GLU A 79 -18.03 7.08 13.35
N ALA A 80 -17.41 8.25 13.30
CA ALA A 80 -18.11 9.46 12.88
C ALA A 80 -18.84 9.30 11.54
N GLY A 81 -18.29 8.49 10.63
CA GLY A 81 -18.92 8.26 9.31
C GLY A 81 -18.06 8.60 8.10
N GLU A 82 -16.85 9.10 8.35
CA GLU A 82 -15.92 9.49 7.30
C GLU A 82 -15.22 8.28 6.64
N GLU A 83 -15.22 8.20 5.31
CA GLU A 83 -14.49 7.14 4.61
C GLU A 83 -13.18 7.67 4.02
N ILE A 84 -12.14 6.85 4.19
CA ILE A 84 -10.84 7.12 3.60
C ILE A 84 -10.67 5.99 2.59
N THR A 85 -10.29 6.31 1.37
CA THR A 85 -10.03 5.25 0.38
C THR A 85 -8.64 4.61 0.58
N VAL A 86 -8.57 3.29 0.68
CA VAL A 86 -7.28 2.64 0.70
C VAL A 86 -6.91 2.07 -0.67
N ALA A 87 -7.90 1.81 -1.52
CA ALA A 87 -7.63 1.37 -2.89
C ALA A 87 -8.77 1.67 -3.88
N LEU A 88 -8.37 1.99 -5.09
CA LEU A 88 -9.26 2.06 -6.23
C LEU A 88 -8.79 1.00 -7.21
N LEU A 89 -9.51 -0.12 -7.25
CA LEU A 89 -9.15 -1.28 -8.04
C LEU A 89 -9.62 -1.17 -9.49
N ARG A 90 -8.76 -1.59 -10.40
CA ARG A 90 -9.05 -1.56 -11.82
C ARG A 90 -9.40 -2.96 -12.27
N GLU A 91 -9.79 -3.13 -13.54
CA GLU A 91 -10.32 -4.42 -14.02
C GLU A 91 -9.26 -5.51 -13.94
N ASN A 92 -9.67 -6.72 -13.59
CA ASN A 92 -8.77 -7.85 -13.46
C ASN A 92 -7.94 -7.87 -12.17
N SER A 93 -8.46 -7.26 -11.11
CA SER A 93 -7.77 -7.29 -9.84
C SER A 93 -8.41 -8.31 -8.94
N VAL A 94 -7.58 -9.07 -8.24
CA VAL A 94 -8.04 -9.94 -7.19
C VAL A 94 -8.26 -9.07 -5.98
N PHE A 95 -9.28 -9.37 -5.18
CA PHE A 95 -9.47 -8.63 -3.96
C PHE A 95 -10.33 -9.38 -2.96
N GLY A 96 -10.40 -8.88 -1.74
CA GLY A 96 -11.03 -9.59 -0.64
C GLY A 96 -10.03 -10.53 -0.01
N VAL A 97 -8.74 -10.22 -0.17
CA VAL A 97 -7.71 -11.20 0.21
C VAL A 97 -7.57 -11.43 1.71
N LEU A 98 -8.26 -10.67 2.55
CA LEU A 98 -8.24 -11.00 3.98
C LEU A 98 -8.66 -12.44 4.19
N SER A 99 -9.52 -12.96 3.30
CA SER A 99 -10.08 -14.29 3.46
C SER A 99 -9.06 -15.41 3.20
N LEU A 100 -7.98 -15.10 2.48
CA LEU A 100 -6.88 -16.06 2.31
C LEU A 100 -6.01 -16.17 3.57
N LEU A 101 -6.29 -15.34 4.57
CA LEU A 101 -5.45 -15.30 5.75
C LEU A 101 -6.05 -16.12 6.88
N THR A 102 -6.92 -15.50 7.67
CA THR A 102 -7.68 -16.20 8.73
C THR A 102 -8.93 -16.83 8.13
N GLY A 103 -9.13 -16.62 6.84
CA GLY A 103 -10.31 -17.12 6.16
C GLY A 103 -11.60 -16.70 6.84
N ASN A 104 -12.52 -17.64 6.96
CA ASN A 104 -13.88 -17.40 7.43
C ASN A 104 -13.99 -17.06 8.92
N LYS A 105 -12.87 -17.06 9.62
CA LYS A 105 -12.91 -16.89 11.07
C LYS A 105 -12.39 -15.52 11.52
N SER A 106 -12.60 -14.51 10.69
CA SER A 106 -12.24 -13.13 11.02
C SER A 106 -13.04 -12.20 10.11
N ASP A 107 -13.21 -10.95 10.52
CA ASP A 107 -14.18 -10.08 9.84
C ASP A 107 -13.55 -8.97 9.02
N ARG A 108 -14.25 -8.57 7.96
CA ARG A 108 -13.83 -7.43 7.15
C ARG A 108 -13.76 -6.15 8.00
N PHE A 109 -12.71 -5.38 7.80
CA PHE A 109 -12.63 -4.05 8.40
C PHE A 109 -12.68 -3.01 7.30
N TYR A 110 -12.52 -3.42 6.05
CA TYR A 110 -12.79 -2.48 4.97
C TYR A 110 -14.20 -2.65 4.36
N HIS A 111 -14.61 -1.59 3.68
CA HIS A 111 -15.87 -1.50 2.97
C HIS A 111 -15.53 -1.57 1.49
N ALA A 112 -16.11 -2.51 0.76
CA ALA A 112 -15.94 -2.58 -0.69
C ALA A 112 -17.20 -2.08 -1.44
N VAL A 113 -16.99 -1.15 -2.36
CA VAL A 113 -18.09 -0.47 -3.01
C VAL A 113 -17.85 -0.47 -4.51
N ALA A 114 -18.93 -0.64 -5.27
CA ALA A 114 -18.81 -0.53 -6.71
C ALA A 114 -18.71 0.94 -7.06
N PHE A 115 -17.51 1.37 -7.45
CA PHE A 115 -17.26 2.80 -7.68
C PHE A 115 -17.88 3.24 -8.98
N THR A 116 -17.98 2.29 -9.91
CA THR A 116 -18.75 2.44 -11.13
C THR A 116 -19.60 1.17 -11.16
N PRO A 117 -20.49 1.03 -12.17
CA PRO A 117 -21.16 -0.27 -12.29
C PRO A 117 -20.13 -1.38 -12.38
N VAL A 118 -20.36 -2.51 -11.71
CA VAL A 118 -19.35 -3.56 -11.60
C VAL A 118 -19.85 -4.93 -11.99
N GLU A 119 -18.95 -5.71 -12.57
CA GLU A 119 -19.16 -7.15 -12.76
C GLU A 119 -17.95 -7.90 -12.22
N LEU A 120 -18.18 -8.95 -11.44
CA LEU A 120 -17.10 -9.68 -10.80
C LEU A 120 -17.47 -11.12 -10.54
N LEU A 121 -16.46 -11.92 -10.21
CA LEU A 121 -16.68 -13.31 -9.82
C LEU A 121 -16.27 -13.42 -8.36
N SER A 122 -16.70 -14.48 -7.69
CA SER A 122 -16.33 -14.66 -6.31
C SER A 122 -16.52 -16.10 -5.96
N ALA A 123 -15.74 -16.60 -5.00
CA ALA A 123 -15.90 -17.96 -4.55
C ALA A 123 -15.54 -18.03 -3.06
N PRO A 124 -16.14 -18.96 -2.35
CA PRO A 124 -15.78 -19.11 -0.95
C PRO A 124 -14.37 -19.66 -0.90
N ILE A 125 -13.63 -19.31 0.15
CA ILE A 125 -12.20 -19.64 0.22
C ILE A 125 -11.89 -21.13 0.01
N GLU A 126 -12.63 -22.01 0.68
CA GLU A 126 -12.41 -23.46 0.58
C GLU A 126 -12.48 -23.94 -0.86
N GLN A 127 -13.29 -23.25 -1.66
CA GLN A 127 -13.42 -23.59 -3.05
C GLN A 127 -12.19 -23.14 -3.83
N VAL A 128 -11.63 -22.00 -3.46
CA VAL A 128 -10.43 -21.47 -4.11
C VAL A 128 -9.19 -22.32 -3.81
N GLU A 129 -9.04 -22.71 -2.55
CA GLU A 129 -7.89 -23.54 -2.16
C GLU A 129 -7.89 -24.82 -2.99
N GLN A 130 -9.07 -25.40 -3.18
CA GLN A 130 -9.18 -26.64 -3.94
C GLN A 130 -8.83 -26.46 -5.42
N ALA A 131 -9.40 -25.44 -6.05
CA ALA A 131 -9.10 -25.15 -7.45
C ALA A 131 -7.60 -24.92 -7.67
N LEU A 132 -6.88 -24.60 -6.60
CA LEU A 132 -5.43 -24.39 -6.69
C LEU A 132 -4.69 -25.70 -6.89
N LYS A 133 -5.09 -26.74 -6.16
CA LYS A 133 -4.53 -28.07 -6.38
C LYS A 133 -4.86 -28.57 -7.78
N GLU A 134 -6.14 -28.61 -8.10
CA GLU A 134 -6.60 -29.04 -9.41
C GLU A 134 -6.03 -28.15 -10.52
N ASN A 135 -5.22 -27.17 -10.14
CA ASN A 135 -4.58 -26.31 -11.12
C ASN A 135 -3.40 -25.50 -10.56
N PRO A 136 -2.24 -26.15 -10.38
CA PRO A 136 -1.02 -25.52 -9.86
C PRO A 136 -0.51 -24.44 -10.79
N GLU A 137 -1.29 -24.13 -11.83
CA GLU A 137 -0.99 -23.01 -12.71
C GLU A 137 -1.84 -21.81 -12.31
N LEU A 138 -3.10 -22.06 -11.99
CA LEU A 138 -3.95 -20.99 -11.50
C LEU A 138 -3.23 -20.35 -10.32
N SER A 139 -2.72 -21.21 -9.44
CA SER A 139 -1.93 -20.80 -8.30
C SER A 139 -0.90 -19.72 -8.68
N MET A 140 -0.04 -20.06 -9.64
CA MET A 140 0.98 -19.12 -10.10
C MET A 140 0.40 -17.80 -10.62
N LEU A 141 -0.75 -17.87 -11.28
CA LEU A 141 -1.43 -16.68 -11.81
C LEU A 141 -2.06 -15.79 -10.72
N MET A 142 -2.42 -16.40 -9.61
CA MET A 142 -2.92 -15.67 -8.45
C MET A 142 -1.76 -14.92 -7.81
N LEU A 143 -0.65 -15.63 -7.61
CA LEU A 143 0.56 -15.01 -7.10
C LEU A 143 0.91 -13.75 -7.87
N ARG A 144 0.81 -13.82 -9.19
CA ARG A 144 1.12 -12.65 -10.00
C ARG A 144 0.09 -11.55 -9.74
N GLY A 145 -1.17 -11.94 -9.58
CA GLY A 145 -2.21 -10.96 -9.31
C GLY A 145 -2.00 -10.24 -7.99
N LEU A 146 -1.67 -10.98 -6.94
CA LEU A 146 -1.40 -10.38 -5.64
C LEU A 146 -0.12 -9.51 -5.65
N SER A 147 0.87 -9.90 -6.44
CA SER A 147 2.13 -9.14 -6.57
C SER A 147 1.82 -7.78 -7.16
N SER A 148 0.94 -7.79 -8.15
CA SER A 148 0.49 -6.59 -8.81
C SER A 148 -0.24 -5.68 -7.83
N ARG A 149 -1.06 -6.27 -6.96
CA ARG A 149 -1.83 -5.49 -5.96
C ARG A 149 -0.85 -4.80 -5.03
N ILE A 150 0.16 -5.56 -4.58
CA ILE A 150 1.21 -5.00 -3.72
C ILE A 150 1.87 -3.79 -4.36
N LEU A 151 2.25 -3.93 -5.62
CA LEU A 151 2.96 -2.83 -6.30
C LEU A 151 2.07 -1.59 -6.45
N GLN A 152 0.79 -1.82 -6.68
CA GLN A 152 -0.19 -0.73 -6.83
C GLN A 152 -0.40 0.05 -5.53
N THR A 153 -0.52 -0.67 -4.42
CA THR A 153 -0.57 0.01 -3.13
C THR A 153 0.69 0.85 -2.86
N GLU A 154 1.87 0.27 -3.06
CA GLU A 154 3.11 1.00 -2.83
C GLU A 154 3.15 2.31 -3.63
N MET A 155 2.63 2.26 -4.84
CA MET A 155 2.56 3.44 -5.70
C MET A 155 1.63 4.53 -5.11
N MET A 156 0.60 4.11 -4.37
CA MET A 156 -0.33 5.05 -3.70
C MET A 156 0.31 5.61 -2.44
N ILE A 157 1.20 4.82 -1.85
CA ILE A 157 2.01 5.32 -0.75
C ILE A 157 2.88 6.45 -1.25
N GLU A 158 3.51 6.24 -2.42
CA GLU A 158 4.32 7.29 -3.03
C GLU A 158 3.51 8.56 -3.22
N THR A 159 2.28 8.38 -3.69
CA THR A 159 1.39 9.48 -3.95
C THR A 159 1.10 10.24 -2.66
N LEU A 160 0.69 9.52 -1.63
CA LEU A 160 0.42 10.14 -0.35
C LEU A 160 1.68 10.70 0.33
N ALA A 161 2.87 10.24 -0.08
CA ALA A 161 4.08 10.70 0.60
C ALA A 161 4.43 12.15 0.23
N HIS A 162 3.96 12.65 -0.91
CA HIS A 162 4.24 14.05 -1.26
C HIS A 162 3.69 15.05 -0.23
N ARG A 163 4.51 16.02 0.14
CA ARG A 163 4.10 17.08 1.08
C ARG A 163 3.15 18.07 0.42
N ASP A 164 3.43 18.42 -0.83
CA ASP A 164 2.64 19.40 -1.57
C ASP A 164 1.36 18.72 -2.08
N MET A 165 0.20 19.22 -1.68
CA MET A 165 -1.06 18.57 -2.06
C MET A 165 -1.31 18.61 -3.55
N GLY A 166 -0.80 19.64 -4.20
CA GLY A 166 -0.91 19.73 -5.66
C GLY A 166 -0.25 18.56 -6.36
N SER A 167 1.01 18.28 -6.01
CA SER A 167 1.77 17.18 -6.59
C SER A 167 1.13 15.85 -6.23
N ARG A 168 0.63 15.77 -5.02
CA ARG A 168 -0.11 14.62 -4.61
C ARG A 168 -1.28 14.37 -5.57
N LEU A 169 -2.02 15.43 -5.89
CA LEU A 169 -3.15 15.30 -6.81
C LEU A 169 -2.69 14.91 -8.22
N VAL A 170 -1.62 15.55 -8.69
CA VAL A 170 -1.11 15.24 -10.02
C VAL A 170 -0.67 13.77 -10.07
N SER A 171 -0.07 13.35 -8.97
CA SER A 171 0.45 12.00 -8.94
C SER A 171 -0.71 10.98 -8.94
N PHE A 172 -1.73 11.24 -8.14
CA PHE A 172 -2.98 10.45 -8.19
C PHE A 172 -3.63 10.45 -9.59
N LEU A 173 -3.71 11.60 -10.24
CA LEU A 173 -4.31 11.61 -11.57
C LEU A 173 -3.53 10.68 -12.51
N LEU A 174 -2.20 10.80 -12.47
CA LEU A 174 -1.35 9.93 -13.27
C LEU A 174 -1.62 8.43 -13.04
N ILE A 175 -1.77 8.01 -11.78
CA ILE A 175 -2.11 6.62 -11.55
C ILE A 175 -3.43 6.27 -12.24
N LEU A 176 -4.43 7.14 -12.09
CA LEU A 176 -5.72 6.94 -12.76
C LEU A 176 -5.62 6.87 -14.27
N CYS A 177 -4.82 7.75 -14.89
CA CYS A 177 -4.62 7.66 -16.33
C CYS A 177 -4.11 6.27 -16.68
N ARG A 178 -3.19 5.76 -15.88
CA ARG A 178 -2.62 4.45 -16.14
C ARG A 178 -3.71 3.38 -15.99
N ASP A 179 -4.47 3.43 -14.90
CA ASP A 179 -5.44 2.38 -14.57
C ASP A 179 -6.77 2.47 -15.33
N PHE A 180 -7.20 3.68 -15.69
CA PHE A 180 -8.55 3.85 -16.26
C PHE A 180 -8.52 4.76 -17.48
N GLY A 181 -7.33 4.95 -18.05
CA GLY A 181 -7.13 5.94 -19.08
C GLY A 181 -7.57 5.45 -20.43
N VAL A 182 -8.11 6.36 -21.23
CA VAL A 182 -8.46 6.07 -22.60
C VAL A 182 -7.87 7.18 -23.44
N PRO A 183 -7.04 6.83 -24.44
CA PRO A 183 -6.37 7.77 -25.33
C PRO A 183 -7.34 8.65 -26.10
N CYS A 184 -6.90 9.86 -26.44
CA CYS A 184 -7.73 10.80 -27.16
C CYS A 184 -6.87 11.94 -27.67
N ALA A 185 -7.49 12.81 -28.49
CA ALA A 185 -6.83 13.97 -29.05
C ALA A 185 -5.92 14.71 -28.06
N ASP A 186 -6.52 15.22 -26.98
CA ASP A 186 -5.82 16.07 -26.01
C ASP A 186 -5.06 15.27 -24.96
N GLY A 187 -4.84 13.99 -25.20
CA GLY A 187 -4.08 13.17 -24.25
C GLY A 187 -4.84 11.98 -23.71
N ILE A 188 -4.96 11.90 -22.39
CA ILE A 188 -5.56 10.74 -21.76
C ILE A 188 -6.75 11.11 -20.89
N THR A 189 -7.88 10.43 -21.12
CA THR A 189 -9.08 10.67 -20.37
C THR A 189 -9.27 9.56 -19.37
N ILE A 190 -9.41 9.94 -18.12
CA ILE A 190 -9.65 9.00 -17.04
C ILE A 190 -11.12 8.70 -17.10
N ASP A 191 -11.44 7.44 -17.35
CA ASP A 191 -12.80 7.06 -17.66
C ASP A 191 -13.61 6.70 -16.41
N LEU A 192 -13.86 7.68 -15.55
CA LEU A 192 -14.68 7.48 -14.35
C LEU A 192 -15.30 8.82 -14.01
N LYS A 193 -16.50 8.83 -13.45
CA LYS A 193 -17.01 10.07 -12.88
C LYS A 193 -16.33 10.29 -11.54
N LEU A 194 -15.64 11.41 -11.41
CA LEU A 194 -14.84 11.68 -10.23
C LEU A 194 -15.39 12.90 -9.51
N SER A 195 -16.02 12.72 -8.36
CA SER A 195 -16.39 13.91 -7.63
C SER A 195 -15.17 14.44 -6.88
N HIS A 196 -15.16 15.74 -6.65
CA HIS A 196 -14.14 16.32 -5.79
C HIS A 196 -14.08 15.60 -4.45
N GLN A 197 -15.24 15.22 -3.90
CA GLN A 197 -15.24 14.54 -2.62
C GLN A 197 -14.49 13.20 -2.75
N ALA A 198 -14.70 12.47 -3.85
CA ALA A 198 -14.05 11.18 -4.02
C ALA A 198 -12.52 11.33 -4.15
N ILE A 199 -12.07 12.33 -4.89
CA ILE A 199 -10.67 12.61 -5.03
C ILE A 199 -10.12 12.90 -3.63
N ALA A 200 -10.85 13.70 -2.86
CA ALA A 200 -10.41 14.07 -1.51
C ALA A 200 -10.16 12.88 -0.59
N GLU A 201 -11.09 11.92 -0.61
CA GLU A 201 -11.02 10.70 0.21
C GLU A 201 -9.90 9.76 -0.20
N ALA A 202 -9.37 9.94 -1.40
CA ALA A 202 -8.32 9.09 -1.91
C ALA A 202 -6.92 9.73 -1.72
N ILE A 203 -6.84 11.05 -1.62
CA ILE A 203 -5.54 11.70 -1.46
C ILE A 203 -5.34 12.40 -0.12
N GLY A 204 -6.17 12.03 0.85
CA GLY A 204 -6.09 12.54 2.20
C GLY A 204 -6.31 14.03 2.22
N SER A 205 -7.26 14.52 1.43
CA SER A 205 -7.54 15.97 1.44
C SER A 205 -9.01 16.31 1.78
N THR A 206 -9.44 17.52 1.45
CA THR A 206 -10.85 17.89 1.59
C THR A 206 -11.42 18.37 0.27
N ARG A 207 -12.74 18.31 0.15
CA ARG A 207 -13.41 18.69 -1.07
C ARG A 207 -12.97 20.08 -1.46
N VAL A 208 -13.03 20.99 -0.51
CA VAL A 208 -12.68 22.36 -0.76
C VAL A 208 -11.28 22.48 -1.35
N THR A 209 -10.29 21.85 -0.71
CA THR A 209 -8.92 21.91 -1.23
C THR A 209 -8.81 21.33 -2.64
N VAL A 210 -9.45 20.19 -2.87
CA VAL A 210 -9.40 19.57 -4.19
C VAL A 210 -9.99 20.46 -5.28
N THR A 211 -11.13 21.09 -4.98
CA THR A 211 -11.73 22.03 -5.90
C THR A 211 -10.76 23.13 -6.26
N ARG A 212 -10.14 23.72 -5.25
CA ARG A 212 -9.15 24.76 -5.52
C ARG A 212 -8.02 24.23 -6.40
N LEU A 213 -7.56 23.01 -6.12
CA LEU A 213 -6.42 22.43 -6.86
C LEU A 213 -6.78 22.05 -8.30
N LEU A 214 -7.91 21.38 -8.51
CA LEU A 214 -8.37 21.08 -9.87
C LEU A 214 -8.49 22.37 -10.69
N GLY A 215 -8.93 23.43 -10.04
CA GLY A 215 -9.09 24.71 -10.72
C GLY A 215 -7.79 25.35 -11.11
N ASP A 216 -6.77 25.21 -10.25
CA ASP A 216 -5.45 25.78 -10.54
C ASP A 216 -4.90 25.06 -11.76
N LEU A 217 -5.19 23.76 -11.83
CA LEU A 217 -4.72 22.93 -12.92
C LEU A 217 -5.45 23.27 -14.22
N ARG A 218 -6.75 23.53 -14.14
CA ARG A 218 -7.49 23.87 -15.35
C ARG A 218 -7.02 25.21 -15.89
N GLU A 219 -6.93 26.20 -15.01
CA GLU A 219 -6.40 27.49 -15.43
C GLU A 219 -5.14 27.26 -16.25
N LYS A 220 -4.22 26.48 -15.71
CA LYS A 220 -2.95 26.26 -16.36
C LYS A 220 -3.10 25.35 -17.57
N LYS A 221 -4.35 25.03 -17.90
CA LYS A 221 -4.64 24.20 -19.06
C LYS A 221 -4.03 22.82 -18.98
N MET A 222 -3.76 22.33 -17.79
CA MET A 222 -3.10 21.03 -17.68
C MET A 222 -4.10 19.87 -17.67
N ILE A 223 -5.36 20.18 -17.37
CA ILE A 223 -6.40 19.18 -17.43
C ILE A 223 -7.70 19.78 -17.93
N SER A 224 -8.60 18.94 -18.40
CA SER A 224 -9.94 19.37 -18.74
C SER A 224 -10.96 18.48 -18.09
N ILE A 225 -12.13 19.03 -17.77
CA ILE A 225 -13.19 18.23 -17.22
C ILE A 225 -14.51 18.32 -18.00
N HIS A 226 -15.01 17.18 -18.44
CA HIS A 226 -16.29 17.13 -19.11
C HIS A 226 -17.19 16.10 -18.45
N LYS A 227 -18.32 16.53 -17.91
CA LYS A 227 -19.25 15.59 -17.28
C LYS A 227 -18.52 14.77 -16.23
N LYS A 228 -17.62 15.42 -15.51
CA LYS A 228 -16.97 14.81 -14.36
C LYS A 228 -15.87 13.84 -14.74
N LYS A 229 -15.53 13.76 -16.02
CA LYS A 229 -14.40 12.94 -16.44
C LYS A 229 -13.23 13.85 -16.67
N ILE A 230 -12.08 13.50 -16.12
CA ILE A 230 -10.92 14.36 -16.25
C ILE A 230 -10.05 13.93 -17.43
N THR A 231 -9.69 14.90 -18.27
CA THR A 231 -8.68 14.70 -19.28
C THR A 231 -7.38 15.38 -18.88
N VAL A 232 -6.33 14.58 -18.78
CA VAL A 232 -5.00 15.09 -18.55
C VAL A 232 -4.28 15.26 -19.90
N HIS A 233 -3.99 16.49 -20.29
CA HIS A 233 -3.20 16.74 -21.49
C HIS A 233 -1.73 16.54 -21.17
N LYS A 234 -0.95 16.10 -22.16
CA LYS A 234 0.49 15.86 -21.96
C LYS A 234 0.78 15.11 -20.67
N PRO A 235 0.29 13.87 -20.56
CA PRO A 235 0.51 13.12 -19.32
C PRO A 235 1.99 12.74 -19.11
N VAL A 236 2.67 12.26 -20.15
CA VAL A 236 4.07 11.90 -20.03
C VAL A 236 4.92 13.09 -19.61
N THR A 237 4.54 14.27 -20.09
CA THR A 237 5.10 15.52 -19.58
C THR A 237 5.07 15.53 -18.05
N LEU A 238 3.86 15.59 -17.49
CA LEU A 238 3.66 15.68 -16.05
C LEU A 238 4.42 14.63 -15.25
N SER A 239 4.63 13.43 -15.80
CA SER A 239 5.37 12.40 -15.09
C SER A 239 6.72 12.90 -14.56
N ARG A 240 7.20 13.98 -15.14
CA ARG A 240 8.45 14.61 -14.71
C ARG A 240 8.36 15.09 -13.26
N GLN A 241 9.48 15.00 -12.55
CA GLN A 241 9.54 15.36 -11.13
C GLN A 241 9.28 14.12 -10.28
N PHE A 242 8.68 13.11 -10.91
CA PHE A 242 8.24 11.92 -10.20
C PHE A 242 6.96 12.22 -9.42
N VAL B 45 21.05 -19.08 3.06
CA VAL B 45 20.79 -18.02 4.08
C VAL B 45 21.83 -16.90 3.97
N GLU B 46 21.39 -15.69 3.64
CA GLU B 46 22.34 -14.61 3.53
C GLU B 46 22.19 -13.64 4.69
N THR B 47 23.25 -12.91 4.98
CA THR B 47 23.16 -11.89 5.98
C THR B 47 23.55 -10.59 5.35
N PHE B 48 23.00 -9.51 5.87
CA PHE B 48 23.39 -8.19 5.44
C PHE B 48 23.58 -7.37 6.68
N GLU B 49 24.68 -6.64 6.76
CA GLU B 49 24.89 -5.68 7.84
C GLU B 49 23.89 -4.54 7.78
N ARG B 50 23.63 -3.92 8.93
CA ARG B 50 22.78 -2.75 8.99
C ARG B 50 23.17 -1.76 7.90
N ASN B 51 22.20 -1.28 7.14
CA ASN B 51 22.44 -0.26 6.11
C ASN B 51 23.08 -0.76 4.81
N LYS B 52 23.34 -2.05 4.71
CA LYS B 52 23.74 -2.61 3.41
C LYS B 52 22.53 -2.72 2.45
N THR B 53 22.79 -2.53 1.17
CA THR B 53 21.76 -2.62 0.17
C THR B 53 21.53 -4.03 -0.31
N ILE B 54 20.27 -4.47 -0.27
CA ILE B 54 19.90 -5.77 -0.80
C ILE B 54 19.66 -5.68 -2.32
N PHE B 55 18.97 -4.64 -2.78
CA PHE B 55 18.96 -4.36 -4.22
C PHE B 55 18.70 -2.88 -4.49
N PHE B 56 19.22 -2.42 -5.62
CA PHE B 56 19.15 -1.01 -6.00
C PHE B 56 18.14 -0.81 -7.11
N PRO B 57 17.50 0.36 -7.15
CA PRO B 57 16.62 0.62 -8.30
C PRO B 57 17.41 0.40 -9.58
N GLY B 58 16.81 -0.25 -10.58
CA GLY B 58 17.53 -0.50 -11.85
C GLY B 58 18.27 -1.84 -11.91
N ASP B 59 18.29 -2.60 -10.81
CA ASP B 59 18.87 -3.93 -10.84
C ASP B 59 17.83 -4.85 -11.43
N PRO B 60 18.24 -5.78 -12.29
CA PRO B 60 17.28 -6.73 -12.82
C PRO B 60 16.52 -7.43 -11.70
N ALA B 61 15.22 -7.67 -11.89
CA ALA B 61 14.40 -8.31 -10.86
C ALA B 61 14.46 -9.83 -10.94
N GLU B 62 15.52 -10.42 -10.40
CA GLU B 62 15.77 -11.84 -10.64
C GLU B 62 15.38 -12.78 -9.52
N ARG B 63 15.31 -12.26 -8.29
CA ARG B 63 15.01 -13.14 -7.17
C ARG B 63 13.77 -12.72 -6.40
N VAL B 64 13.21 -13.69 -5.68
CA VAL B 64 12.23 -13.41 -4.66
C VAL B 64 12.95 -13.58 -3.34
N TYR B 65 12.48 -12.88 -2.32
CA TYR B 65 13.17 -12.85 -1.03
C TYR B 65 12.21 -13.20 0.08
N PHE B 66 12.74 -13.82 1.14
CA PHE B 66 12.01 -14.08 2.37
C PHE B 66 12.85 -13.60 3.59
N LEU B 67 12.31 -12.64 4.33
CA LEU B 67 13.04 -12.05 5.45
C LEU B 67 12.90 -12.91 6.69
N LEU B 68 14.01 -13.41 7.23
CA LEU B 68 13.97 -14.28 8.42
C LEU B 68 14.13 -13.47 9.68
N LYS B 69 15.08 -12.54 9.66
CA LYS B 69 15.40 -11.77 10.85
C LYS B 69 15.74 -10.34 10.52
N GLY B 70 15.20 -9.42 11.32
CA GLY B 70 15.49 -8.01 11.13
C GLY B 70 14.43 -7.29 10.32
N ALA B 71 14.71 -6.06 9.92
CA ALA B 71 13.76 -5.25 9.21
C ALA B 71 14.39 -4.82 7.89
N VAL B 72 13.58 -4.80 6.83
CA VAL B 72 14.06 -4.33 5.56
C VAL B 72 13.27 -3.12 5.12
N LYS B 73 13.99 -2.10 4.66
CA LYS B 73 13.35 -0.90 4.15
C LYS B 73 13.28 -0.86 2.63
N LEU B 74 12.06 -0.75 2.09
CA LEU B 74 11.85 -0.43 0.68
C LEU B 74 11.54 1.06 0.52
N SER B 75 12.18 1.70 -0.45
CA SER B 75 12.05 3.14 -0.64
C SER B 75 12.14 3.52 -2.11
N ARG B 76 11.59 4.67 -2.43
CA ARG B 76 11.73 5.26 -3.74
C ARG B 76 12.89 6.25 -3.66
N VAL B 77 13.75 6.27 -4.67
CA VAL B 77 14.95 7.08 -4.64
C VAL B 77 14.85 8.18 -5.68
N TYR B 78 15.11 9.43 -5.31
CA TYR B 78 14.98 10.50 -6.30
C TYR B 78 16.33 11.00 -6.80
N GLU B 79 16.29 11.71 -7.92
CA GLU B 79 17.50 12.01 -8.65
C GLU B 79 18.59 12.54 -7.76
N ALA B 80 18.22 13.25 -6.69
CA ALA B 80 19.22 13.96 -5.88
C ALA B 80 19.58 13.19 -4.60
N GLY B 81 19.04 11.98 -4.47
CA GLY B 81 19.41 11.13 -3.36
C GLY B 81 18.41 11.02 -2.22
N GLU B 82 17.40 11.87 -2.19
CA GLU B 82 16.36 11.68 -1.16
C GLU B 82 15.62 10.37 -1.42
N GLU B 83 15.20 9.74 -0.33
CA GLU B 83 14.51 8.47 -0.41
C GLU B 83 13.19 8.60 0.35
N ILE B 84 12.15 7.94 -0.15
CA ILE B 84 10.86 7.90 0.49
C ILE B 84 10.58 6.45 0.81
N THR B 85 10.25 6.14 2.07
CA THR B 85 9.95 4.76 2.43
C THR B 85 8.56 4.35 1.94
N VAL B 86 8.45 3.22 1.24
CA VAL B 86 7.15 2.70 0.88
C VAL B 86 6.81 1.48 1.71
N ALA B 87 7.77 0.98 2.49
CA ALA B 87 7.52 -0.16 3.37
C ALA B 87 8.70 -0.46 4.28
N LEU B 88 8.35 -0.82 5.50
CA LEU B 88 9.29 -1.29 6.49
C LEU B 88 8.83 -2.70 6.78
N LEU B 89 9.61 -3.67 6.35
CA LEU B 89 9.21 -5.06 6.41
C LEU B 89 9.67 -5.74 7.70
N ARG B 90 8.81 -6.60 8.23
CA ARG B 90 9.04 -7.30 9.48
C ARG B 90 9.32 -8.75 9.14
N GLU B 91 9.73 -9.50 10.16
CA GLU B 91 10.21 -10.85 9.95
C GLU B 91 9.16 -11.71 9.28
N ASN B 92 9.58 -12.62 8.42
CA ASN B 92 8.64 -13.50 7.78
C ASN B 92 7.85 -12.87 6.63
N SER B 93 8.45 -11.91 5.95
CA SER B 93 7.77 -11.30 4.82
C SER B 93 8.42 -11.73 3.52
N VAL B 94 7.59 -12.12 2.57
CA VAL B 94 8.04 -12.23 1.20
C VAL B 94 8.21 -10.81 0.64
N PHE B 95 9.26 -10.59 -0.15
CA PHE B 95 9.42 -9.31 -0.84
C PHE B 95 10.24 -9.44 -2.12
N GLY B 96 10.28 -8.38 -2.91
CA GLY B 96 10.90 -8.41 -4.23
C GLY B 96 9.93 -8.94 -5.25
N VAL B 97 8.63 -8.72 -5.02
CA VAL B 97 7.61 -9.43 -5.81
C VAL B 97 7.51 -8.98 -7.26
N LEU B 98 8.22 -7.93 -7.63
CA LEU B 98 8.23 -7.54 -9.03
C LEU B 98 8.71 -8.70 -9.90
N SER B 99 9.54 -9.56 -9.35
CA SER B 99 10.13 -10.60 -10.19
C SER B 99 9.14 -11.74 -10.42
N LEU B 100 8.05 -11.75 -9.66
CA LEU B 100 7.01 -12.73 -9.92
C LEU B 100 6.18 -12.27 -11.11
N LEU B 101 6.05 -10.96 -11.31
CA LEU B 101 5.42 -10.44 -12.53
C LEU B 101 6.30 -10.72 -13.72
N THR B 102 7.55 -10.30 -13.63
CA THR B 102 8.40 -10.21 -14.81
C THR B 102 9.73 -10.97 -14.77
N GLY B 103 10.10 -11.55 -13.63
CA GLY B 103 11.45 -12.13 -13.53
C GLY B 103 12.47 -11.08 -13.93
N ASN B 104 13.66 -11.51 -14.36
CA ASN B 104 14.73 -10.56 -14.62
C ASN B 104 14.50 -9.68 -15.86
N LYS B 105 13.40 -9.96 -16.56
CA LYS B 105 12.99 -9.22 -17.75
C LYS B 105 12.89 -7.71 -17.50
N SER B 106 12.37 -7.31 -16.34
CA SER B 106 12.35 -5.89 -16.00
C SER B 106 13.20 -5.58 -14.75
N ASP B 107 13.28 -4.30 -14.39
CA ASP B 107 14.21 -3.78 -13.37
C ASP B 107 13.52 -3.30 -12.10
N ARG B 108 14.23 -3.38 -10.97
CA ARG B 108 13.71 -2.88 -9.70
C ARG B 108 13.51 -1.39 -9.82
N PHE B 109 12.43 -0.89 -9.24
CA PHE B 109 12.32 0.55 -9.10
C PHE B 109 12.30 1.01 -7.63
N TYR B 110 12.32 0.08 -6.68
CA TYR B 110 12.61 0.45 -5.30
C TYR B 110 13.99 -0.03 -4.80
N HIS B 111 14.49 0.68 -3.79
CA HIS B 111 15.73 0.38 -3.11
C HIS B 111 15.37 -0.51 -1.91
N ALA B 112 15.97 -1.68 -1.81
CA ALA B 112 15.81 -2.52 -0.61
C ALA B 112 17.08 -2.47 0.27
N VAL B 113 16.90 -1.98 1.49
CA VAL B 113 18.02 -1.81 2.43
C VAL B 113 17.81 -2.59 3.73
N ALA B 114 18.89 -3.14 4.28
CA ALA B 114 18.87 -3.77 5.62
C ALA B 114 18.68 -2.68 6.68
N PHE B 115 17.48 -2.57 7.21
CA PHE B 115 17.23 -1.46 8.10
C PHE B 115 17.87 -1.74 9.47
N THR B 116 17.91 -3.02 9.82
CA THR B 116 18.69 -3.52 10.94
C THR B 116 19.58 -4.61 10.31
N PRO B 117 20.48 -5.23 11.10
CA PRO B 117 21.18 -6.38 10.55
C PRO B 117 20.11 -7.34 10.09
N VAL B 118 20.35 -8.03 8.98
CA VAL B 118 19.31 -8.87 8.39
C VAL B 118 19.78 -10.27 8.00
N GLU B 119 18.90 -11.24 8.17
CA GLU B 119 19.09 -12.59 7.66
C GLU B 119 17.94 -12.93 6.71
N LEU B 120 18.26 -13.28 5.47
CA LEU B 120 17.20 -13.62 4.52
C LEU B 120 17.50 -14.81 3.62
N LEU B 121 16.43 -15.32 2.99
CA LEU B 121 16.52 -16.33 1.93
C LEU B 121 16.09 -15.72 0.59
N SER B 122 16.67 -16.20 -0.50
CA SER B 122 16.30 -15.70 -1.82
C SER B 122 16.58 -16.75 -2.88
N ALA B 123 15.75 -16.80 -3.90
CA ALA B 123 15.89 -17.79 -4.94
C ALA B 123 15.58 -17.13 -6.26
N PRO B 124 16.30 -17.50 -7.34
CA PRO B 124 15.92 -16.98 -8.64
C PRO B 124 14.49 -17.38 -8.88
N ILE B 125 13.83 -16.75 -9.85
CA ILE B 125 12.41 -16.94 -10.01
C ILE B 125 12.01 -18.30 -10.57
N GLU B 126 12.77 -18.81 -11.53
CA GLU B 126 12.47 -20.14 -12.07
C GLU B 126 12.63 -21.23 -11.01
N GLN B 127 13.62 -21.08 -10.14
CA GLN B 127 13.74 -21.98 -9.02
C GLN B 127 12.51 -21.87 -8.09
N VAL B 128 11.86 -20.73 -8.09
CA VAL B 128 10.66 -20.55 -7.27
C VAL B 128 9.47 -21.23 -7.93
N GLU B 129 9.29 -21.00 -9.23
CA GLU B 129 8.16 -21.58 -9.96
C GLU B 129 8.16 -23.08 -9.83
N GLN B 130 9.33 -23.68 -9.94
CA GLN B 130 9.50 -25.11 -9.77
C GLN B 130 9.12 -25.50 -8.35
N ALA B 131 9.71 -24.82 -7.37
CA ALA B 131 9.41 -25.08 -5.97
C ALA B 131 7.91 -25.10 -5.76
N LEU B 132 7.21 -24.20 -6.44
CA LEU B 132 5.76 -24.09 -6.34
C LEU B 132 5.06 -25.20 -7.12
N LYS B 133 5.09 -25.07 -8.45
CA LYS B 133 4.39 -26.02 -9.32
C LYS B 133 4.79 -27.46 -8.99
N GLU B 134 5.91 -27.60 -8.29
CA GLU B 134 6.36 -28.89 -7.80
C GLU B 134 5.82 -29.12 -6.39
N ASN B 135 5.68 -28.04 -5.63
CA ASN B 135 5.08 -28.12 -4.30
C ASN B 135 3.73 -27.37 -4.25
N PRO B 136 2.61 -28.11 -4.30
CA PRO B 136 1.27 -27.53 -4.42
C PRO B 136 0.95 -26.56 -3.31
N GLU B 137 1.08 -26.99 -2.06
CA GLU B 137 0.66 -26.18 -0.92
C GLU B 137 1.64 -25.08 -0.49
N LEU B 138 2.93 -25.26 -0.76
CA LEU B 138 3.90 -24.19 -0.52
C LEU B 138 3.34 -22.93 -1.18
N SER B 139 2.64 -23.15 -2.29
CA SER B 139 2.02 -22.09 -3.07
C SER B 139 0.87 -21.40 -2.34
N MET B 140 0.12 -22.17 -1.55
CA MET B 140 -0.95 -21.60 -0.77
C MET B 140 -0.36 -20.72 0.33
N LEU B 141 0.85 -21.05 0.76
CA LEU B 141 1.52 -20.29 1.80
C LEU B 141 2.04 -18.93 1.28
N MET B 142 2.55 -18.93 0.06
CA MET B 142 2.95 -17.70 -0.61
C MET B 142 1.73 -16.82 -0.83
N LEU B 143 0.67 -17.40 -1.35
CA LEU B 143 -0.55 -16.66 -1.57
C LEU B 143 -0.94 -15.91 -0.30
N ARG B 144 -0.71 -16.54 0.84
CA ARG B 144 -1.09 -15.94 2.10
C ARG B 144 -0.13 -14.84 2.49
N GLY B 145 1.16 -15.05 2.24
CA GLY B 145 2.19 -14.07 2.56
C GLY B 145 1.99 -12.81 1.75
N LEU B 146 1.63 -12.95 0.49
CA LEU B 146 1.37 -11.79 -0.35
C LEU B 146 0.10 -11.10 0.11
N SER B 147 -0.88 -11.89 0.55
CA SER B 147 -2.11 -11.34 1.08
C SER B 147 -1.78 -10.43 2.25
N SER B 148 -0.84 -10.89 3.08
CA SER B 148 -0.43 -10.13 4.26
C SER B 148 0.32 -8.85 3.88
N ARG B 149 1.20 -8.95 2.91
CA ARG B 149 1.86 -7.76 2.39
C ARG B 149 0.82 -6.71 1.96
N ILE B 150 -0.25 -7.15 1.32
CA ILE B 150 -1.22 -6.22 0.79
C ILE B 150 -1.92 -5.48 1.91
N LEU B 151 -2.34 -6.21 2.93
CA LEU B 151 -3.00 -5.61 4.09
C LEU B 151 -2.05 -4.69 4.90
N GLN B 152 -0.76 -5.02 4.93
CA GLN B 152 0.17 -4.15 5.65
C GLN B 152 0.32 -2.83 4.92
N THR B 153 0.49 -2.90 3.60
CA THR B 153 0.53 -1.68 2.82
C THR B 153 -0.73 -0.80 2.96
N GLU B 154 -1.92 -1.40 2.94
CA GLU B 154 -3.14 -0.61 3.09
C GLU B 154 -3.18 0.15 4.42
N MET B 155 -2.59 -0.45 5.45
CA MET B 155 -2.49 0.20 6.76
CA MET B 155 -2.46 0.19 6.77
C MET B 155 -1.52 1.38 6.71
N MET B 156 -0.46 1.27 5.89
CA MET B 156 0.42 2.42 5.72
C MET B 156 -0.31 3.53 4.99
N ILE B 157 -1.15 3.14 4.03
CA ILE B 157 -2.06 4.10 3.38
C ILE B 157 -2.98 4.82 4.39
N GLU B 158 -3.63 4.07 5.28
CA GLU B 158 -4.45 4.73 6.31
C GLU B 158 -3.61 5.67 7.13
N THR B 159 -2.36 5.30 7.36
CA THR B 159 -1.48 6.14 8.16
C THR B 159 -1.21 7.47 7.45
N LEU B 160 -0.85 7.39 6.17
CA LEU B 160 -0.62 8.59 5.37
C LEU B 160 -1.86 9.42 5.04
N ALA B 161 -3.06 8.83 5.09
CA ALA B 161 -4.30 9.61 4.79
C ALA B 161 -4.59 10.73 5.76
N HIS B 162 -4.21 10.57 7.03
CA HIS B 162 -4.41 11.63 8.01
C HIS B 162 -3.80 12.93 7.53
N ARG B 163 -4.51 14.03 7.77
CA ARG B 163 -4.06 15.35 7.37
C ARG B 163 -3.17 15.96 8.44
N ASP B 164 -3.38 15.52 9.67
CA ASP B 164 -2.59 16.03 10.82
CA ASP B 164 -2.60 16.03 10.81
C ASP B 164 -1.32 15.19 10.98
N MET B 165 -0.15 15.82 10.90
CA MET B 165 1.10 15.04 11.04
C MET B 165 1.23 14.28 12.38
N GLY B 166 0.72 14.88 13.45
CA GLY B 166 0.78 14.26 14.75
C GLY B 166 0.15 12.89 14.70
N SER B 167 -0.99 12.80 14.01
CA SER B 167 -1.72 11.58 13.88
C SER B 167 -1.04 10.63 12.92
N ARG B 168 -0.45 11.14 11.83
CA ARG B 168 0.32 10.22 10.99
C ARG B 168 1.38 9.53 11.89
N LEU B 169 2.07 10.32 12.71
CA LEU B 169 3.16 9.80 13.54
C LEU B 169 2.65 8.73 14.49
N VAL B 170 1.66 9.08 15.30
CA VAL B 170 1.13 8.13 16.28
C VAL B 170 0.75 6.84 15.58
N SER B 171 0.06 6.98 14.44
CA SER B 171 -0.48 5.84 13.72
C SER B 171 0.64 4.97 13.16
N PHE B 172 1.65 5.62 12.58
CA PHE B 172 2.89 4.91 12.22
C PHE B 172 3.51 4.23 13.44
N LEU B 173 3.64 4.93 14.57
CA LEU B 173 4.22 4.32 15.78
C LEU B 173 3.46 3.07 16.23
N LEU B 174 2.13 3.12 16.21
CA LEU B 174 1.32 1.96 16.59
C LEU B 174 1.50 0.78 15.65
N ILE B 175 1.66 1.04 14.35
CA ILE B 175 1.97 -0.04 13.45
C ILE B 175 3.30 -0.66 13.85
N LEU B 176 4.31 0.19 14.08
CA LEU B 176 5.63 -0.33 14.49
C LEU B 176 5.54 -1.11 15.79
N CYS B 177 4.62 -0.72 16.67
CA CYS B 177 4.42 -1.47 17.90
C CYS B 177 3.96 -2.87 17.61
N ARG B 178 3.05 -3.02 16.66
CA ARG B 178 2.53 -4.32 16.28
C ARG B 178 3.60 -5.14 15.54
N ASP B 179 4.35 -4.46 14.68
CA ASP B 179 5.32 -5.17 13.85
C ASP B 179 6.62 -5.51 14.54
N PHE B 180 7.09 -4.61 15.41
CA PHE B 180 8.40 -4.79 16.01
C PHE B 180 8.41 -4.58 17.52
N GLY B 181 7.23 -4.57 18.13
CA GLY B 181 7.11 -4.24 19.54
C GLY B 181 7.53 -5.35 20.46
N VAL B 182 8.14 -4.99 21.58
CA VAL B 182 8.43 -5.88 22.69
C VAL B 182 7.68 -5.34 23.91
N PRO B 183 6.85 -6.15 24.56
CA PRO B 183 6.14 -5.55 25.70
C PRO B 183 7.09 -5.29 26.87
N CYS B 184 6.71 -4.33 27.70
CA CYS B 184 7.46 -4.03 28.92
C CYS B 184 6.54 -3.31 29.92
N ALA B 185 7.09 -2.91 31.06
CA ALA B 185 6.26 -2.35 32.13
C ALA B 185 5.59 -1.03 31.72
N ASP B 186 6.30 -0.19 30.98
CA ASP B 186 5.78 1.12 30.58
C ASP B 186 5.14 1.11 29.19
N GLY B 187 4.66 -0.06 28.76
CA GLY B 187 3.98 -0.18 27.46
C GLY B 187 4.74 -1.06 26.49
N ILE B 188 4.89 -0.59 25.26
CA ILE B 188 5.55 -1.37 24.20
C ILE B 188 6.78 -0.66 23.64
N THR B 189 7.87 -1.36 23.54
CA THR B 189 9.08 -0.78 23.01
C THR B 189 9.25 -1.23 21.59
N ILE B 190 9.40 -0.28 20.69
CA ILE B 190 9.65 -0.58 19.29
C ILE B 190 11.11 -0.97 19.17
N ASP B 191 11.35 -2.25 18.91
CA ASP B 191 12.71 -2.77 18.94
C ASP B 191 13.43 -2.41 17.65
N LEU B 192 13.59 -1.12 17.40
CA LEU B 192 14.25 -0.65 16.18
C LEU B 192 14.93 0.66 16.51
N LYS B 193 16.12 0.89 16.00
CA LYS B 193 16.68 2.21 16.12
C LYS B 193 16.01 3.07 15.08
N LEU B 194 15.28 4.07 15.52
CA LEU B 194 14.54 4.91 14.61
C LEU B 194 15.06 6.31 14.65
N SER B 195 15.86 6.74 13.68
CA SER B 195 16.28 8.14 13.72
C SER B 195 15.10 9.03 13.32
N HIS B 196 15.22 10.31 13.63
CA HIS B 196 14.19 11.25 13.26
C HIS B 196 14.08 11.32 11.74
N GLN B 197 15.19 11.17 11.04
CA GLN B 197 15.16 11.26 9.60
C GLN B 197 14.41 10.07 8.99
N ALA B 198 14.60 8.87 9.57
CA ALA B 198 13.96 7.67 9.06
C ALA B 198 12.46 7.73 9.27
N ILE B 199 12.04 8.33 10.38
CA ILE B 199 10.63 8.50 10.66
C ILE B 199 10.05 9.47 9.61
N ALA B 200 10.75 10.58 9.38
CA ALA B 200 10.31 11.57 8.40
C ALA B 200 10.17 10.96 7.00
N GLU B 201 11.08 10.05 6.64
CA GLU B 201 11.01 9.43 5.33
C GLU B 201 9.85 8.47 5.22
N ALA B 202 9.33 8.04 6.35
CA ALA B 202 8.23 7.08 6.33
C ALA B 202 6.83 7.72 6.42
N ILE B 203 6.72 8.94 6.94
CA ILE B 203 5.39 9.54 7.13
C ILE B 203 5.19 10.82 6.32
N GLY B 204 6.13 11.12 5.43
CA GLY B 204 5.94 12.18 4.46
C GLY B 204 6.21 13.55 5.01
N SER B 205 7.21 13.64 5.90
CA SER B 205 7.41 14.82 6.74
C SER B 205 8.86 15.29 6.66
N THR B 206 9.14 16.47 7.20
CA THR B 206 10.52 16.89 7.37
C THR B 206 11.08 16.40 8.72
N ARG B 207 12.39 16.45 8.86
CA ARG B 207 13.01 16.03 10.11
C ARG B 207 12.64 17.01 11.22
N VAL B 208 12.73 18.29 10.92
CA VAL B 208 12.47 19.30 11.92
C VAL B 208 11.11 19.07 12.55
N THR B 209 10.13 18.73 11.72
CA THR B 209 8.75 18.49 12.14
C THR B 209 8.64 17.22 12.98
N VAL B 210 9.26 16.13 12.52
CA VAL B 210 9.35 14.94 13.37
C VAL B 210 9.95 15.19 14.78
N THR B 211 11.05 15.92 14.82
CA THR B 211 11.72 16.24 16.10
C THR B 211 10.76 16.96 17.02
N ARG B 212 10.10 17.98 16.49
CA ARG B 212 9.12 18.72 17.27
C ARG B 212 7.99 17.82 17.76
N LEU B 213 7.44 17.01 16.88
CA LEU B 213 6.33 16.13 17.26
C LEU B 213 6.78 15.10 18.32
N LEU B 214 7.97 14.52 18.13
CA LEU B 214 8.50 13.59 19.14
C LEU B 214 8.72 14.35 20.46
N GLY B 215 9.16 15.59 20.36
CA GLY B 215 9.26 16.44 21.53
C GLY B 215 7.91 16.54 22.22
N ASP B 216 6.85 16.82 21.46
CA ASP B 216 5.51 16.94 22.07
C ASP B 216 5.12 15.65 22.76
N LEU B 217 5.29 14.53 22.05
CA LEU B 217 4.86 13.24 22.58
C LEU B 217 5.56 12.89 23.92
N ARG B 218 6.79 13.36 24.12
CA ARG B 218 7.50 13.11 25.38
C ARG B 218 6.98 14.00 26.47
N GLU B 219 6.95 15.31 26.20
CA GLU B 219 6.37 16.26 27.14
C GLU B 219 5.04 15.69 27.61
N LYS B 220 4.17 15.26 26.71
CA LYS B 220 2.88 14.72 27.15
C LYS B 220 2.99 13.30 27.71
N LYS B 221 4.22 12.81 27.83
CA LYS B 221 4.44 11.44 28.33
C LYS B 221 3.64 10.33 27.62
N MET B 222 3.41 10.45 26.32
CA MET B 222 2.83 9.34 25.60
C MET B 222 3.90 8.38 25.10
N ILE B 223 5.14 8.85 25.03
CA ILE B 223 6.28 8.02 24.68
C ILE B 223 7.51 8.49 25.43
N SER B 224 8.47 7.59 25.59
CA SER B 224 9.83 8.04 25.85
C SER B 224 10.73 7.41 24.82
N ILE B 225 11.89 8.02 24.64
CA ILE B 225 12.85 7.51 23.70
C ILE B 225 14.16 7.39 24.44
N HIS B 226 14.85 6.29 24.22
CA HIS B 226 16.19 6.12 24.75
C HIS B 226 17.08 5.45 23.70
N LYS B 227 18.11 6.16 23.26
CA LYS B 227 19.02 5.67 22.22
C LYS B 227 18.31 5.24 20.96
N LYS B 228 17.43 6.10 20.48
CA LYS B 228 16.68 5.85 19.26
C LYS B 228 15.61 4.76 19.39
N LYS B 229 15.51 4.10 20.55
CA LYS B 229 14.40 3.18 20.76
C LYS B 229 13.21 3.84 21.43
N ILE B 230 12.07 3.77 20.77
CA ILE B 230 10.88 4.42 21.24
C ILE B 230 9.97 3.47 21.99
N THR B 231 9.58 3.87 23.19
CA THR B 231 8.60 3.13 23.95
C THR B 231 7.29 3.89 23.95
N VAL B 232 6.22 3.21 23.58
CA VAL B 232 4.90 3.82 23.58
C VAL B 232 4.19 3.37 24.85
N HIS B 233 3.80 4.35 25.66
CA HIS B 233 3.08 4.11 26.91
C HIS B 233 1.58 3.99 26.63
N LYS B 234 0.97 2.91 27.10
CA LYS B 234 -0.47 2.66 26.86
C LYS B 234 -0.91 2.83 25.40
N PRO B 235 -0.38 1.98 24.51
CA PRO B 235 -0.72 2.05 23.08
C PRO B 235 -2.20 1.80 22.81
N VAL B 236 -2.79 0.85 23.53
CA VAL B 236 -4.20 0.51 23.32
C VAL B 236 -5.10 1.73 23.50
N THR B 237 -4.73 2.59 24.43
CA THR B 237 -5.44 3.85 24.62
C THR B 237 -5.29 4.77 23.41
N LEU B 238 -4.08 4.84 22.86
CA LEU B 238 -3.83 5.68 21.69
C LEU B 238 -4.55 5.18 20.45
N SER B 239 -4.69 3.85 20.33
CA SER B 239 -5.41 3.22 19.22
C SER B 239 -6.78 3.86 19.02
N ARG B 240 -7.58 3.84 20.08
CA ARG B 240 -8.77 4.66 20.11
C ARG B 240 -8.36 6.09 19.75
N GLN B 241 -8.93 6.64 18.68
CA GLN B 241 -8.56 7.98 18.24
C GLN B 241 -8.70 8.06 16.73
#